data_7D0P
#
_entry.id   7D0P
#
_cell.length_a   126.679
_cell.length_b   39.306
_cell.length_c   87.744
_cell.angle_alpha   90.000
_cell.angle_beta   123.010
_cell.angle_gamma   90.000
#
_symmetry.space_group_name_H-M   'C 1 2 1'
#
loop_
_entity.id
_entity.type
_entity.pdbx_description
1 polymer 'Histone acetyltransferase KAT7'
2 polymer 'BRD1 protein'
3 non-polymer 'propionyl Coenzyme A'
4 non-polymer 'ZINC ION'
5 non-polymer 'CHLORIDE ION'
6 water water
#
loop_
_entity_poly.entity_id
_entity_poly.type
_entity_poly.pdbx_seq_one_letter_code
_entity_poly.pdbx_strand_id
1 'polypeptide(L)'
;MIKTIAFGRYELDTWYHSPYPEEYARLGRLYMCEFCLKYMKSQTILRRHMAKCVWKHPPGDEIYRKGSISVFEVDGKKNK
IYCQNLCLLAKLFLDH(ALY)TLYYDVEPFLFYVMTEADNTGCHLIGYFSKEKNSFLNYNVSCILTMPQYMRQGYGKMLI
DFSYLLSKVEEKVGSPERPLSDLGLISYRSYWKEVLLRYLHNFQGKEISIKEISQETAVNPVDIVSTLQALQMLKYWKGK
HLVLKRQDLIDEWIAKEAKRSNSNKTMDPSCLKWTPPKGT
;
A
2 'polypeptide(L)' LTYAQAQGMVEIEIEGRLHRISIFDPLEIILEDDLTAQEMSECNSNKENS B
#
# COMPACT_ATOMS: atom_id res chain seq x y z
N MET A 1 -30.27 -3.96 -5.23
CA MET A 1 -29.21 -3.00 -5.69
C MET A 1 -27.87 -3.69 -5.97
N ILE A 2 -26.75 -2.95 -6.03
CA ILE A 2 -25.53 -3.46 -6.67
C ILE A 2 -24.88 -4.53 -5.81
N LYS A 3 -24.97 -5.76 -6.29
CA LYS A 3 -24.31 -6.90 -5.67
C LYS A 3 -23.10 -7.40 -6.45
N THR A 4 -23.08 -7.18 -7.77
CA THR A 4 -21.96 -7.59 -8.60
C THR A 4 -21.57 -6.52 -9.60
N ILE A 5 -20.35 -6.64 -10.12
CA ILE A 5 -19.88 -5.82 -11.23
C ILE A 5 -19.17 -6.70 -12.23
N ALA A 6 -19.33 -6.37 -13.50
CA ALA A 6 -18.64 -7.02 -14.59
C ALA A 6 -17.48 -6.12 -14.94
N PHE A 7 -16.27 -6.66 -14.83
CA PHE A 7 -15.06 -5.87 -14.97
C PHE A 7 -14.06 -6.66 -15.82
N GLY A 8 -13.91 -6.26 -17.08
CA GLY A 8 -13.09 -7.02 -18.02
C GLY A 8 -13.65 -8.44 -18.12
N ARG A 9 -12.79 -9.44 -17.98
CA ARG A 9 -13.23 -10.84 -18.00
C ARG A 9 -13.79 -11.36 -16.66
N TYR A 10 -13.82 -10.53 -15.62
CA TYR A 10 -14.22 -10.96 -14.28
C TYR A 10 -15.65 -10.53 -13.91
N GLU A 11 -16.27 -11.35 -13.05
CA GLU A 11 -17.54 -11.03 -12.40
C GLU A 11 -17.22 -10.94 -10.92
N LEU A 12 -17.44 -9.79 -10.31
CA LEU A 12 -17.01 -9.55 -8.92
C LEU A 12 -18.18 -9.23 -8.00
N ASP A 13 -18.27 -9.96 -6.89
CA ASP A 13 -19.23 -9.65 -5.82
C ASP A 13 -18.74 -8.43 -5.07
N THR A 14 -19.64 -7.50 -4.79
CA THR A 14 -19.31 -6.29 -4.02
C THR A 14 -19.43 -6.60 -2.53
N TRP A 15 -18.69 -5.88 -1.71
CA TRP A 15 -18.70 -6.09 -0.25
C TRP A 15 -19.58 -5.07 0.46
N TYR A 16 -19.53 -3.83 0.01
CA TYR A 16 -20.22 -2.71 0.63
C TYR A 16 -20.96 -1.90 -0.41
N HIS A 17 -21.90 -1.09 0.05
CA HIS A 17 -22.59 -0.14 -0.81
C HIS A 17 -21.65 1.00 -1.16
N SER A 18 -21.73 1.43 -2.42
CA SER A 18 -21.03 2.61 -2.92
C SER A 18 -22.09 3.56 -3.45
N PRO A 19 -21.92 4.89 -3.27
CA PRO A 19 -23.00 5.83 -3.65
C PRO A 19 -23.08 6.14 -5.15
N TYR A 20 -23.29 5.11 -5.97
CA TYR A 20 -23.57 5.31 -7.39
C TYR A 20 -24.98 5.90 -7.51
N PRO A 21 -25.23 6.71 -8.56
CA PRO A 21 -26.55 7.28 -8.75
C PRO A 21 -27.67 6.23 -8.76
N GLU A 22 -28.85 6.62 -8.28
CA GLU A 22 -29.98 5.68 -8.05
C GLU A 22 -30.34 4.87 -9.29
N GLU A 23 -30.34 5.54 -10.44
CA GLU A 23 -30.52 4.92 -11.77
C GLU A 23 -29.65 3.67 -11.97
N TYR A 24 -28.38 3.79 -11.60
CA TYR A 24 -27.43 2.67 -11.66
C TYR A 24 -27.51 1.76 -10.43
N ALA A 25 -27.62 2.37 -9.25
CA ALA A 25 -27.66 1.64 -7.98
C ALA A 25 -28.89 0.75 -7.82
N ARG A 26 -30.01 1.13 -8.44
CA ARG A 26 -31.23 0.30 -8.51
C ARG A 26 -30.98 -1.09 -9.12
N LEU A 27 -30.06 -1.16 -10.09
CA LEU A 27 -29.77 -2.41 -10.79
C LEU A 27 -28.99 -3.37 -9.91
N GLY A 28 -29.08 -4.66 -10.25
CA GLY A 28 -28.35 -5.71 -9.54
C GLY A 28 -26.87 -5.72 -9.87
N ARG A 29 -26.55 -5.38 -11.12
CA ARG A 29 -25.20 -5.51 -11.67
C ARG A 29 -24.79 -4.26 -12.45
N LEU A 30 -23.53 -3.88 -12.33
CA LEU A 30 -22.95 -2.80 -13.14
C LEU A 30 -21.88 -3.33 -14.08
N TYR A 31 -21.80 -2.71 -15.25
CA TYR A 31 -20.83 -3.06 -16.27
C TYR A 31 -19.86 -1.91 -16.39
N MET A 32 -18.58 -2.20 -16.15
CA MET A 32 -17.56 -1.16 -16.12
C MET A 32 -16.63 -1.33 -17.29
N CYS A 33 -16.27 -0.22 -17.93
CA CYS A 33 -15.15 -0.21 -18.86
C CYS A 33 -13.89 -0.41 -18.00
N GLU A 34 -13.14 -1.44 -18.30
CA GLU A 34 -11.97 -1.76 -17.47
C GLU A 34 -10.80 -0.78 -17.62
N PHE A 35 -10.84 0.06 -18.65
CA PHE A 35 -9.76 1.00 -18.94
C PHE A 35 -10.05 2.44 -18.54
N CYS A 36 -11.25 2.93 -18.82
CA CYS A 36 -11.64 4.30 -18.43
C CYS A 36 -12.55 4.34 -17.18
N LEU A 37 -13.03 3.18 -16.73
CA LEU A 37 -13.83 3.04 -15.49
C LEU A 37 -15.25 3.61 -15.55
N LYS A 38 -15.72 3.94 -16.76
CA LYS A 38 -17.11 4.31 -16.94
C LYS A 38 -17.98 3.13 -16.53
N TYR A 39 -19.07 3.44 -15.81
CA TYR A 39 -20.04 2.43 -15.38
C TYR A 39 -21.29 2.52 -16.26
N MET A 40 -21.83 1.35 -16.58
CA MET A 40 -22.91 1.21 -17.59
C MET A 40 -23.91 0.15 -17.16
N LYS A 41 -25.11 0.22 -17.74
CA LYS A 41 -26.26 -0.57 -17.29
C LYS A 41 -26.30 -2.01 -17.80
N SER A 42 -25.69 -2.27 -18.96
CA SER A 42 -25.79 -3.58 -19.58
C SER A 42 -24.55 -4.02 -20.36
N GLN A 43 -24.55 -5.31 -20.67
CA GLN A 43 -23.54 -5.96 -21.49
C GLN A 43 -23.50 -5.39 -22.91
N THR A 44 -24.68 -5.17 -23.51
CA THR A 44 -24.71 -4.62 -24.88
C THR A 44 -24.18 -3.19 -24.94
N ILE A 45 -24.58 -2.35 -23.98
CA ILE A 45 -24.05 -0.97 -23.87
C ILE A 45 -22.53 -0.99 -23.64
N LEU A 46 -22.06 -1.90 -22.79
CA LEU A 46 -20.62 -2.06 -22.55
C LEU A 46 -19.89 -2.37 -23.84
N ARG A 47 -20.40 -3.36 -24.58
CA ARG A 47 -19.79 -3.76 -25.85
C ARG A 47 -19.67 -2.58 -26.84
N ARG A 48 -20.72 -1.76 -26.91
CA ARG A 48 -20.71 -0.58 -27.78
C ARG A 48 -19.68 0.43 -27.31
N HIS A 49 -19.58 0.59 -26.00
CA HIS A 49 -18.54 1.45 -25.43
C HIS A 49 -17.13 0.96 -25.79
N MET A 50 -16.89 -0.34 -25.57
CA MET A 50 -15.55 -0.92 -25.83
C MET A 50 -15.11 -0.77 -27.28
N ALA A 51 -16.07 -0.80 -28.21
CA ALA A 51 -15.79 -0.54 -29.62
C ALA A 51 -15.28 0.89 -29.88
N LYS A 52 -15.78 1.86 -29.11
CA LYS A 52 -15.40 3.29 -29.24
C LYS A 52 -14.27 3.79 -28.29
N CYS A 53 -14.13 3.19 -27.11
CA CYS A 53 -13.21 3.71 -26.08
C CYS A 53 -11.75 3.62 -26.51
N VAL A 54 -11.04 4.74 -26.47
CA VAL A 54 -9.64 4.80 -26.92
C VAL A 54 -8.67 4.29 -25.83
N TRP A 55 -9.07 4.32 -24.57
CA TRP A 55 -8.15 4.03 -23.44
C TRP A 55 -7.79 2.55 -23.34
N LYS A 56 -6.49 2.28 -23.27
CA LYS A 56 -5.95 0.92 -23.05
C LYS A 56 -5.07 0.83 -21.80
N HIS A 57 -5.13 1.87 -20.98
CA HIS A 57 -4.35 1.98 -19.73
C HIS A 57 -4.90 3.19 -18.95
N PRO A 58 -4.50 3.37 -17.68
CA PRO A 58 -4.90 4.57 -16.96
C PRO A 58 -4.38 5.86 -17.60
N PRO A 59 -5.01 7.00 -17.30
CA PRO A 59 -4.43 8.29 -17.69
C PRO A 59 -3.18 8.61 -16.84
N GLY A 60 -2.65 9.81 -16.97
CA GLY A 60 -1.46 10.22 -16.22
C GLY A 60 -0.16 9.61 -16.74
N ASP A 61 0.91 9.76 -15.96
CA ASP A 61 2.26 9.36 -16.37
C ASP A 61 2.59 7.98 -15.86
N GLU A 62 3.21 7.15 -16.70
CA GLU A 62 3.64 5.84 -16.27
C GLU A 62 4.98 6.06 -15.60
N ILE A 63 5.00 5.98 -14.29
CA ILE A 63 6.23 6.25 -13.55
C ILE A 63 7.01 5.01 -13.13
N TYR A 64 6.42 3.83 -13.24
CA TYR A 64 7.12 2.62 -12.93
C TYR A 64 6.82 1.61 -13.99
N ARG A 65 7.83 0.91 -14.46
CA ARG A 65 7.58 -0.14 -15.41
C ARG A 65 8.60 -1.22 -15.34
N LYS A 66 8.17 -2.43 -15.08
CA LYS A 66 9.03 -3.57 -15.17
C LYS A 66 8.24 -4.62 -15.92
N GLY A 67 8.58 -4.79 -17.18
CA GLY A 67 7.87 -5.75 -18.04
C GLY A 67 6.39 -5.40 -18.08
N SER A 68 5.56 -6.36 -17.73
CA SER A 68 4.12 -6.19 -17.77
C SER A 68 3.53 -5.43 -16.58
N ILE A 69 4.34 -5.13 -15.56
CA ILE A 69 3.84 -4.40 -14.39
C ILE A 69 4.16 -2.92 -14.47
N SER A 70 3.14 -2.08 -14.36
CA SER A 70 3.29 -0.63 -14.38
C SER A 70 2.62 0.00 -13.19
N VAL A 71 3.05 1.22 -12.86
CA VAL A 71 2.29 2.10 -12.00
C VAL A 71 2.15 3.42 -12.74
N PHE A 72 0.92 3.94 -12.78
CA PHE A 72 0.60 5.22 -13.40
C PHE A 72 0.27 6.22 -12.31
N GLU A 73 0.83 7.42 -12.41
CA GLU A 73 0.49 8.50 -11.50
C GLU A 73 -0.62 9.33 -12.14
N VAL A 74 -1.80 9.32 -11.52
CA VAL A 74 -2.95 10.09 -12.00
C VAL A 74 -3.28 11.22 -11.04
N ASP A 75 -3.38 12.43 -11.60
CA ASP A 75 -3.69 13.64 -10.86
C ASP A 75 -5.21 13.81 -10.85
N GLY A 76 -5.79 13.85 -9.65
CA GLY A 76 -7.22 13.98 -9.47
C GLY A 76 -7.83 15.25 -10.04
N LYS A 77 -7.05 16.32 -10.15
CA LYS A 77 -7.51 17.54 -10.82
C LYS A 77 -7.48 17.41 -12.35
N LYS A 78 -6.47 16.76 -12.90
CA LYS A 78 -6.33 16.61 -14.35
C LYS A 78 -7.25 15.53 -14.94
N ASN A 79 -7.61 14.52 -14.15
CA ASN A 79 -8.44 13.41 -14.61
C ASN A 79 -9.52 13.10 -13.58
N LYS A 80 -10.34 14.11 -13.32
CA LYS A 80 -11.38 14.04 -12.30
C LYS A 80 -12.35 12.88 -12.48
N ILE A 81 -12.85 12.68 -13.69
CA ILE A 81 -13.88 11.65 -13.92
C ILE A 81 -13.32 10.26 -13.63
N TYR A 82 -12.12 10.00 -14.16
CA TYR A 82 -11.46 8.72 -13.94
C TYR A 82 -11.30 8.43 -12.45
N CYS A 83 -10.76 9.42 -11.74
CA CYS A 83 -10.50 9.27 -10.30
C CYS A 83 -11.78 9.14 -9.47
N GLN A 84 -12.83 9.87 -9.83
CA GLN A 84 -14.15 9.68 -9.16
C GLN A 84 -14.68 8.27 -9.37
N ASN A 85 -14.60 7.77 -10.60
CA ASN A 85 -15.00 6.39 -10.92
C ASN A 85 -14.18 5.37 -10.13
N LEU A 86 -12.88 5.62 -10.02
CA LEU A 86 -11.99 4.76 -9.22
C LEU A 86 -12.39 4.75 -7.74
N CYS A 87 -12.75 5.91 -7.21
CA CYS A 87 -13.18 6.02 -5.79
C CYS A 87 -14.51 5.32 -5.52
N LEU A 88 -15.47 5.47 -6.43
CA LEU A 88 -16.75 4.74 -6.33
C LEU A 88 -16.54 3.23 -6.45
N LEU A 89 -15.65 2.82 -7.36
CA LEU A 89 -15.27 1.40 -7.50
C LEU A 89 -14.65 0.87 -6.20
N ALA A 90 -13.73 1.65 -5.63
CA ALA A 90 -13.04 1.31 -4.39
C ALA A 90 -13.98 1.15 -3.20
N LYS A 91 -14.97 2.04 -3.09
CA LYS A 91 -15.93 2.01 -1.98
C LYS A 91 -16.79 0.73 -1.92
N LEU A 92 -16.91 0.03 -3.06
CA LEU A 92 -17.52 -1.30 -3.09
C LEU A 92 -16.78 -2.36 -2.25
N PHE A 93 -15.51 -2.09 -1.92
CA PHE A 93 -14.68 -3.00 -1.09
C PHE A 93 -14.07 -2.35 0.16
N LEU A 94 -14.56 -1.16 0.52
CA LEU A 94 -14.12 -0.45 1.72
C LEU A 94 -15.30 -0.23 2.62
N ASP A 95 -15.18 -0.65 3.87
CA ASP A 95 -16.19 -0.34 4.88
C ASP A 95 -16.47 1.17 4.97
N HIS A 96 -15.40 1.95 4.90
CA HIS A 96 -15.47 3.39 4.99
C HIS A 96 -14.44 4.02 4.08
N THR A 98 -13.29 8.03 3.13
CA THR A 98 -13.51 9.42 3.54
C THR A 98 -13.84 10.35 2.37
N LEU A 99 -13.69 9.88 1.12
CA LEU A 99 -13.73 10.76 -0.04
C LEU A 99 -14.13 10.06 -1.35
N TYR A 100 -15.01 10.70 -2.13
CA TYR A 100 -15.46 10.21 -3.46
C TYR A 100 -15.43 11.29 -4.55
N TYR A 101 -16.06 12.43 -4.26
CA TYR A 101 -16.27 13.50 -5.23
C TYR A 101 -15.06 14.43 -5.39
N ASP A 102 -14.51 14.91 -4.27
CA ASP A 102 -13.48 15.96 -4.28
C ASP A 102 -12.08 15.36 -4.35
N VAL A 103 -11.77 14.83 -5.53
CA VAL A 103 -10.54 14.09 -5.77
C VAL A 103 -9.37 14.98 -6.22
N GLU A 104 -9.64 16.27 -6.44
CA GLU A 104 -8.61 17.21 -6.90
C GLU A 104 -7.35 17.31 -6.02
N PRO A 105 -7.50 17.29 -4.68
CA PRO A 105 -6.30 17.31 -3.82
C PRO A 105 -5.46 16.02 -3.75
N PHE A 106 -5.83 15.00 -4.54
CA PHE A 106 -5.22 13.67 -4.48
C PHE A 106 -4.47 13.27 -5.74
N LEU A 107 -3.44 12.46 -5.53
CA LEU A 107 -2.78 11.70 -6.57
C LEU A 107 -3.22 10.25 -6.41
N PHE A 108 -3.32 9.54 -7.51
CA PHE A 108 -3.72 8.13 -7.50
C PHE A 108 -2.63 7.34 -8.20
N TYR A 109 -2.14 6.29 -7.54
CA TYR A 109 -1.10 5.45 -8.09
C TYR A 109 -1.72 4.13 -8.45
N VAL A 110 -1.89 3.92 -9.75
CA VAL A 110 -2.67 2.81 -10.29
C VAL A 110 -1.75 1.77 -10.89
N MET A 111 -1.77 0.57 -10.32
CA MET A 111 -0.92 -0.52 -10.75
C MET A 111 -1.65 -1.37 -11.77
N THR A 112 -0.95 -1.71 -12.86
CA THR A 112 -1.55 -2.55 -13.92
C THR A 112 -0.68 -3.72 -14.31
N GLU A 113 -1.32 -4.76 -14.85
CA GLU A 113 -0.66 -5.89 -15.49
C GLU A 113 -1.03 -5.90 -16.97
N ALA A 114 -0.03 -5.90 -17.84
CA ALA A 114 -0.24 -5.89 -19.30
C ALA A 114 -0.37 -7.28 -19.89
N ASP A 115 -1.27 -7.40 -20.86
CA ASP A 115 -1.27 -8.52 -21.77
C ASP A 115 -1.58 -7.94 -23.17
N ASN A 116 -1.87 -8.76 -24.15
CA ASN A 116 -1.98 -8.20 -25.52
C ASN A 116 -3.21 -7.29 -25.79
N THR A 117 -4.16 -7.21 -24.86
CA THR A 117 -5.33 -6.30 -25.01
C THR A 117 -5.15 -4.94 -24.33
N GLY A 118 -4.17 -4.82 -23.43
CA GLY A 118 -3.90 -3.56 -22.74
C GLY A 118 -3.37 -3.78 -21.32
N CYS A 119 -3.38 -2.71 -20.54
CA CYS A 119 -2.89 -2.68 -19.15
C CYS A 119 -4.08 -2.77 -18.18
N HIS A 120 -4.24 -3.93 -17.56
CA HIS A 120 -5.39 -4.24 -16.73
C HIS A 120 -5.17 -3.86 -15.29
N LEU A 121 -6.20 -3.30 -14.66
CA LEU A 121 -6.11 -2.79 -13.28
C LEU A 121 -5.86 -3.91 -12.28
N ILE A 122 -4.81 -3.74 -11.49
CA ILE A 122 -4.49 -4.63 -10.34
C ILE A 122 -5.03 -4.01 -9.07
N GLY A 123 -4.72 -2.74 -8.88
CA GLY A 123 -5.05 -2.04 -7.66
C GLY A 123 -4.54 -0.62 -7.69
N TYR A 124 -4.71 0.08 -6.58
CA TYR A 124 -4.20 1.45 -6.48
C TYR A 124 -4.02 1.85 -5.03
N PHE A 125 -3.33 2.98 -4.84
CA PHE A 125 -3.45 3.76 -3.64
C PHE A 125 -3.56 5.23 -3.99
N SER A 126 -4.36 5.94 -3.20
CA SER A 126 -4.46 7.39 -3.28
C SER A 126 -3.51 8.01 -2.24
N LYS A 127 -3.19 9.27 -2.47
CA LYS A 127 -2.27 10.03 -1.65
C LYS A 127 -2.61 11.50 -1.76
N GLU A 128 -2.72 12.19 -0.62
CA GLU A 128 -2.90 13.64 -0.63
C GLU A 128 -1.67 14.31 -1.23
N LYS A 129 -1.90 15.33 -2.05
CA LYS A 129 -0.80 16.13 -2.62
C LYS A 129 -0.04 16.85 -1.52
N ASN A 130 -0.79 17.33 -0.52
CA ASN A 130 -0.22 17.94 0.69
C ASN A 130 -0.96 17.43 1.92
N SER A 131 -0.31 16.51 2.63
CA SER A 131 -0.87 15.93 3.85
C SER A 131 -0.25 16.65 5.03
N PHE A 132 -1.09 17.26 5.86
CA PHE A 132 -0.65 17.90 7.10
C PHE A 132 -0.04 16.86 8.04
N LEU A 133 -0.65 15.67 8.09
CA LEU A 133 -0.20 14.58 8.96
C LEU A 133 0.87 13.65 8.34
N ASN A 134 1.43 14.05 7.18
CA ASN A 134 2.49 13.31 6.47
C ASN A 134 2.10 11.88 6.11
N TYR A 135 0.84 11.70 5.75
CA TYR A 135 0.38 10.40 5.31
C TYR A 135 0.82 10.19 3.88
N ASN A 136 1.42 9.04 3.63
CA ASN A 136 1.91 8.72 2.27
C ASN A 136 0.94 7.83 1.49
N VAL A 137 -0.11 7.36 2.16
CA VAL A 137 -1.20 6.62 1.53
C VAL A 137 -2.48 7.08 2.22
N SER A 138 -3.51 7.41 1.44
CA SER A 138 -4.83 7.76 1.98
C SER A 138 -5.70 6.52 2.00
N CYS A 139 -5.82 5.87 0.86
CA CYS A 139 -6.54 4.62 0.74
C CYS A 139 -5.80 3.66 -0.20
N ILE A 140 -5.97 2.36 -0.01
CA ILE A 140 -5.27 1.35 -0.80
C ILE A 140 -6.22 0.18 -1.09
N LEU A 141 -6.17 -0.32 -2.33
CA LEU A 141 -7.05 -1.42 -2.78
C LEU A 141 -6.32 -2.32 -3.76
N THR A 142 -6.43 -3.62 -3.55
CA THR A 142 -6.08 -4.59 -4.56
C THR A 142 -7.42 -5.13 -5.02
N MET A 143 -7.64 -5.14 -6.33
CA MET A 143 -8.91 -5.63 -6.86
C MET A 143 -9.10 -7.08 -6.45
N PRO A 144 -10.35 -7.50 -6.14
CA PRO A 144 -10.61 -8.85 -5.59
C PRO A 144 -9.99 -9.98 -6.38
N GLN A 145 -10.03 -9.89 -7.72
CA GLN A 145 -9.44 -10.94 -8.58
C GLN A 145 -7.94 -11.13 -8.42
N TYR A 146 -7.27 -10.11 -7.87
CA TYR A 146 -5.83 -10.12 -7.66
C TYR A 146 -5.40 -10.31 -6.19
N MET A 147 -6.36 -10.37 -5.25
CA MET A 147 -6.03 -10.38 -3.81
C MET A 147 -5.26 -11.64 -3.41
N ARG A 148 -4.45 -11.48 -2.37
CA ARG A 148 -3.65 -12.56 -1.77
C ARG A 148 -2.61 -13.17 -2.70
N GLN A 149 -2.05 -12.34 -3.58
CA GLN A 149 -1.00 -12.76 -4.52
C GLN A 149 0.31 -11.95 -4.38
N GLY A 150 0.37 -11.03 -3.43
CA GLY A 150 1.55 -10.19 -3.23
C GLY A 150 1.49 -8.79 -3.78
N TYR A 151 0.41 -8.44 -4.48
CA TYR A 151 0.33 -7.11 -5.11
C TYR A 151 0.11 -6.00 -4.10
N GLY A 152 -0.68 -6.28 -3.06
CA GLY A 152 -0.90 -5.29 -2.02
C GLY A 152 0.41 -4.86 -1.37
N LYS A 153 1.26 -5.83 -1.06
CA LYS A 153 2.58 -5.50 -0.51
C LYS A 153 3.48 -4.75 -1.49
N MET A 154 3.36 -5.05 -2.78
CA MET A 154 4.04 -4.27 -3.80
C MET A 154 3.58 -2.82 -3.81
N LEU A 155 2.27 -2.60 -3.72
CA LEU A 155 1.71 -1.25 -3.62
C LEU A 155 2.22 -0.52 -2.38
N ILE A 156 2.22 -1.21 -1.25
CA ILE A 156 2.72 -0.60 0.00
C ILE A 156 4.20 -0.23 -0.15
N ASP A 157 5.01 -1.18 -0.65
CA ASP A 157 6.42 -0.93 -0.87
C ASP A 157 6.63 0.27 -1.79
N PHE A 158 5.82 0.34 -2.84
CA PHE A 158 5.90 1.46 -3.77
C PHE A 158 5.62 2.79 -3.09
N SER A 159 4.62 2.82 -2.19
CA SER A 159 4.31 4.06 -1.46
C SER A 159 5.50 4.56 -0.64
N TYR A 160 6.23 3.62 -0.03
CA TYR A 160 7.43 3.99 0.73
C TYR A 160 8.60 4.34 -0.16
N LEU A 161 8.67 3.74 -1.36
CA LEU A 161 9.65 4.15 -2.36
C LEU A 161 9.46 5.61 -2.75
N LEU A 162 8.22 6.03 -2.96
CA LEU A 162 7.93 7.46 -3.25
C LEU A 162 8.42 8.34 -2.11
N SER A 163 8.08 7.95 -0.88
CA SER A 163 8.52 8.67 0.31
C SER A 163 10.06 8.80 0.40
N LYS A 164 10.77 7.69 0.19
CA LYS A 164 12.25 7.71 0.14
C LYS A 164 12.78 8.71 -0.89
N VAL A 165 12.22 8.70 -2.08
CA VAL A 165 12.66 9.62 -3.14
C VAL A 165 12.33 11.07 -2.77
N GLU A 166 11.18 11.28 -2.13
CA GLU A 166 10.79 12.60 -1.61
C GLU A 166 11.60 13.07 -0.39
N GLU A 167 12.43 12.19 0.18
CA GLU A 167 13.17 12.42 1.41
C GLU A 167 12.23 12.71 2.59
N LYS A 168 11.19 11.89 2.67
CA LYS A 168 10.16 12.00 3.69
C LYS A 168 9.98 10.67 4.39
N VAL A 169 9.40 10.75 5.58
CA VAL A 169 8.97 9.59 6.34
C VAL A 169 7.46 9.59 6.22
N GLY A 170 6.93 8.40 5.96
CA GLY A 170 5.52 8.22 5.63
C GLY A 170 4.80 7.24 6.53
N SER A 171 3.48 7.38 6.53
CA SER A 171 2.60 6.50 7.25
C SER A 171 1.27 6.41 6.51
N PRO A 172 0.57 5.27 6.59
CA PRO A 172 -0.79 5.25 6.05
C PRO A 172 -1.78 6.04 6.90
N GLU A 173 -2.76 6.66 6.25
CA GLU A 173 -3.82 7.41 6.94
C GLU A 173 -4.65 6.53 7.86
N ARG A 174 -4.85 7.00 9.09
CA ARG A 174 -5.70 6.33 10.06
C ARG A 174 -7.16 6.73 9.82
N PRO A 175 -8.12 5.83 10.02
CA PRO A 175 -7.89 4.49 10.56
C PRO A 175 -7.55 3.45 9.49
N LEU A 176 -6.94 2.35 9.92
CA LEU A 176 -6.59 1.20 9.06
C LEU A 176 -7.60 0.10 9.27
N SER A 177 -8.06 -0.50 8.16
CA SER A 177 -9.02 -1.60 8.23
C SER A 177 -8.31 -2.87 8.70
N ASP A 178 -9.08 -3.91 9.03
CA ASP A 178 -8.53 -5.23 9.39
C ASP A 178 -7.50 -5.72 8.39
N LEU A 179 -7.89 -5.76 7.12
CA LEU A 179 -7.01 -6.23 6.06
C LEU A 179 -5.83 -5.28 5.84
N GLY A 180 -6.10 -3.98 5.94
CA GLY A 180 -5.06 -2.97 5.88
C GLY A 180 -4.00 -3.18 6.94
N LEU A 181 -4.44 -3.44 8.17
CA LEU A 181 -3.56 -3.67 9.29
C LEU A 181 -2.70 -4.90 9.10
N ILE A 182 -3.31 -6.00 8.69
CA ILE A 182 -2.58 -7.22 8.46
C ILE A 182 -1.50 -7.02 7.39
N SER A 183 -1.86 -6.31 6.34
CA SER A 183 -0.94 -6.10 5.26
C SER A 183 0.25 -5.25 5.67
N TYR A 184 -0.03 -4.15 6.34
CA TYR A 184 1.02 -3.26 6.79
C TYR A 184 1.90 -3.96 7.83
N ARG A 185 1.31 -4.77 8.69
CA ARG A 185 2.12 -5.50 9.67
C ARG A 185 3.07 -6.42 8.98
N SER A 186 2.57 -7.13 7.97
CA SER A 186 3.41 -8.01 7.22
C SER A 186 4.54 -7.27 6.53
N TYR A 187 4.26 -6.12 5.93
CA TYR A 187 5.29 -5.37 5.25
C TYR A 187 6.34 -4.83 6.24
N TRP A 188 5.86 -4.31 7.34
CA TRP A 188 6.74 -3.74 8.35
C TRP A 188 7.65 -4.81 8.92
N LYS A 189 7.12 -6.00 9.13
CA LYS A 189 7.94 -7.08 9.61
C LYS A 189 9.03 -7.39 8.61
N GLU A 190 8.68 -7.45 7.33
CA GLU A 190 9.66 -7.79 6.29
C GLU A 190 10.78 -6.77 6.26
N VAL A 191 10.42 -5.49 6.27
CA VAL A 191 11.36 -4.39 6.16
C VAL A 191 12.29 -4.32 7.38
N LEU A 192 11.73 -4.48 8.56
CA LEU A 192 12.51 -4.41 9.78
C LEU A 192 13.50 -5.58 9.89
N LEU A 193 13.04 -6.79 9.61
CA LEU A 193 13.92 -7.96 9.63
C LEU A 193 15.03 -7.91 8.56
N ARG A 194 14.72 -7.41 7.35
CA ARG A 194 15.73 -7.17 6.33
C ARG A 194 16.80 -6.17 6.81
N TYR A 195 16.37 -5.08 7.43
CA TYR A 195 17.30 -4.06 7.95
C TYR A 195 18.22 -4.68 9.01
N LEU A 196 17.64 -5.43 9.94
CA LEU A 196 18.45 -6.02 11.02
C LEU A 196 19.35 -7.15 10.51
N HIS A 197 18.87 -7.90 9.52
CA HIS A 197 19.70 -8.92 8.87
C HIS A 197 20.92 -8.34 8.14
N ASN A 198 20.74 -7.19 7.49
CA ASN A 198 21.84 -6.51 6.79
C ASN A 198 22.71 -5.65 7.72
N PHE A 199 22.17 -5.20 8.85
CA PHE A 199 22.90 -4.30 9.76
C PHE A 199 23.93 -5.05 10.59
N GLN A 200 25.15 -4.51 10.66
CA GLN A 200 26.26 -5.14 11.40
C GLN A 200 26.64 -4.47 12.73
N GLY A 201 26.19 -3.24 12.97
CA GLY A 201 26.55 -2.50 14.18
C GLY A 201 25.96 -3.03 15.47
N LYS A 202 26.50 -2.55 16.58
CA LYS A 202 26.18 -3.04 17.92
C LYS A 202 24.90 -2.43 18.47
N GLU A 203 24.55 -1.24 17.99
CA GLU A 203 23.32 -0.56 18.39
C GLU A 203 22.71 0.21 17.23
N ILE A 204 21.42 0.50 17.38
CA ILE A 204 20.66 1.23 16.36
C ILE A 204 19.59 2.09 17.03
N SER A 205 19.33 3.26 16.48
CA SER A 205 18.19 4.07 16.92
C SER A 205 17.00 3.86 15.97
N ILE A 206 15.80 4.07 16.50
CA ILE A 206 14.58 3.99 15.70
C ILE A 206 14.64 4.99 14.55
N LYS A 207 15.13 6.20 14.84
CA LYS A 207 15.29 7.25 13.85
C LYS A 207 16.12 6.82 12.63
N GLU A 208 17.22 6.11 12.89
CA GLU A 208 18.06 5.58 11.80
C GLU A 208 17.29 4.60 10.91
N ILE A 209 16.53 3.70 11.53
CA ILE A 209 15.75 2.72 10.78
C ILE A 209 14.68 3.45 9.96
N SER A 210 13.99 4.37 10.60
CA SER A 210 13.01 5.23 9.94
C SER A 210 13.61 6.02 8.76
N GLN A 211 14.80 6.56 8.94
CA GLN A 211 15.52 7.27 7.88
C GLN A 211 15.82 6.38 6.66
N GLU A 212 16.17 5.12 6.90
CA GLU A 212 16.51 4.19 5.82
C GLU A 212 15.27 3.68 5.08
N THR A 213 14.23 3.35 5.83
CA THR A 213 13.06 2.65 5.32
C THR A 213 11.90 3.58 4.92
N ALA A 214 11.95 4.83 5.37
CA ALA A 214 10.84 5.80 5.32
C ALA A 214 9.61 5.40 6.15
N VAL A 215 9.73 4.36 6.98
CA VAL A 215 8.67 3.92 7.86
C VAL A 215 8.69 4.83 9.11
N ASN A 216 7.50 5.20 9.57
CA ASN A 216 7.35 6.11 10.70
C ASN A 216 7.90 5.46 11.98
N PRO A 217 8.58 6.25 12.83
CA PRO A 217 9.10 5.70 14.10
C PRO A 217 8.10 4.90 14.92
N VAL A 218 6.86 5.40 15.03
CA VAL A 218 5.80 4.73 15.79
C VAL A 218 5.48 3.36 15.19
N ASP A 219 5.42 3.26 13.86
CA ASP A 219 5.13 1.98 13.22
C ASP A 219 6.29 0.97 13.42
N ILE A 220 7.53 1.46 13.42
CA ILE A 220 8.70 0.61 13.72
C ILE A 220 8.62 0.08 15.15
N VAL A 221 8.36 0.96 16.10
CA VAL A 221 8.26 0.53 17.51
C VAL A 221 7.10 -0.46 17.68
N SER A 222 5.95 -0.13 17.08
CA SER A 222 4.80 -1.03 17.11
C SER A 222 5.14 -2.43 16.56
N THR A 223 5.92 -2.49 15.47
CA THR A 223 6.37 -3.74 14.88
C THR A 223 7.38 -4.49 15.76
N LEU A 224 8.34 -3.77 16.31
CA LEU A 224 9.27 -4.39 17.28
C LEU A 224 8.47 -5.05 18.41
N GLN A 225 7.47 -4.33 18.93
CA GLN A 225 6.58 -4.86 19.98
C GLN A 225 5.82 -6.09 19.49
N ALA A 226 5.22 -6.00 18.30
CA ALA A 226 4.49 -7.12 17.71
C ALA A 226 5.32 -8.40 17.56
N LEU A 227 6.59 -8.25 17.23
CA LEU A 227 7.51 -9.39 17.10
C LEU A 227 8.22 -9.76 18.41
N GLN A 228 7.87 -9.08 19.50
CA GLN A 228 8.48 -9.29 20.82
C GLN A 228 10.01 -9.19 20.80
N MET A 229 10.47 -8.17 20.08
CA MET A 229 11.90 -7.91 19.91
C MET A 229 12.38 -6.73 20.75
N LEU A 230 11.47 -6.08 21.48
CA LEU A 230 11.86 -5.06 22.44
C LEU A 230 11.93 -5.68 23.83
N LYS A 231 13.12 -5.64 24.42
CA LYS A 231 13.34 -6.23 25.73
C LYS A 231 13.93 -5.23 26.70
N TYR A 232 13.83 -5.61 27.98
CA TYR A 232 14.31 -4.84 29.09
C TYR A 232 15.17 -5.75 29.94
N TRP A 233 16.42 -5.36 30.13
CA TRP A 233 17.37 -6.11 30.96
C TRP A 233 18.41 -5.13 31.48
N LYS A 234 18.58 -5.08 32.81
CA LYS A 234 19.50 -4.16 33.49
C LYS A 234 19.20 -2.68 33.20
N GLY A 235 17.93 -2.30 33.29
CA GLY A 235 17.50 -0.90 33.12
C GLY A 235 17.52 -0.31 31.71
N LYS A 236 17.86 -1.12 30.70
CA LYS A 236 18.04 -0.64 29.32
C LYS A 236 17.06 -1.29 28.35
N HIS A 237 16.70 -0.56 27.30
CA HIS A 237 15.90 -1.11 26.19
C HIS A 237 16.81 -1.71 25.15
N LEU A 238 16.64 -3.01 24.92
CA LEU A 238 17.41 -3.74 23.93
C LEU A 238 16.51 -4.17 22.77
N VAL A 239 17.11 -4.23 21.60
CA VAL A 239 16.51 -4.83 20.42
C VAL A 239 17.03 -6.26 20.37
N LEU A 240 16.13 -7.23 20.50
CA LEU A 240 16.49 -8.64 20.53
C LEU A 240 16.32 -9.22 19.14
N LYS A 241 17.41 -9.54 18.46
CA LYS A 241 17.27 -10.06 17.10
C LYS A 241 17.07 -11.57 17.15
N ARG A 242 15.81 -11.97 17.03
CA ARG A 242 15.39 -13.34 17.19
C ARG A 242 15.83 -14.21 16.02
N GLN A 243 16.23 -15.43 16.37
CA GLN A 243 16.88 -16.37 15.45
C GLN A 243 15.84 -16.96 14.52
N ASP A 244 14.77 -17.46 15.13
CA ASP A 244 13.63 -18.03 14.41
C ASP A 244 13.00 -17.07 13.40
N LEU A 245 12.84 -15.79 13.79
CA LEU A 245 12.29 -14.77 12.90
C LEU A 245 13.19 -14.48 11.70
N ILE A 246 14.48 -14.35 11.96
CA ILE A 246 15.47 -14.14 10.89
C ILE A 246 15.50 -15.31 9.91
N ASP A 247 15.53 -16.54 10.44
CA ASP A 247 15.55 -17.76 9.63
C ASP A 247 14.26 -17.94 8.83
N GLU A 248 13.11 -17.74 9.48
CA GLU A 248 11.82 -17.81 8.81
C GLU A 248 11.73 -16.77 7.69
N TRP A 249 12.23 -15.56 7.95
CA TRP A 249 12.26 -14.49 6.96
C TRP A 249 13.09 -14.83 5.70
N ILE A 250 14.25 -15.48 5.89
CA ILE A 250 15.09 -15.87 4.74
C ILE A 250 14.38 -16.91 3.86
N ALA A 251 13.67 -17.85 4.50
CA ALA A 251 12.85 -18.82 3.78
C ALA A 251 11.72 -18.14 2.99
N LYS A 252 11.10 -17.11 3.58
CA LYS A 252 10.11 -16.27 2.89
C LYS A 252 10.74 -15.41 1.79
N GLU A 253 11.95 -14.91 2.05
CA GLU A 253 12.75 -14.14 1.07
C GLU A 253 13.06 -14.99 -0.17
N ALA A 254 13.34 -16.27 0.04
CA ALA A 254 13.57 -17.22 -1.05
C ALA A 254 12.34 -17.39 -1.93
N LYS A 255 11.16 -17.50 -1.31
CA LYS A 255 9.90 -17.60 -2.06
C LYS A 255 9.49 -16.27 -2.72
N ARG A 256 9.85 -15.14 -2.09
CA ARG A 256 9.64 -13.81 -2.68
C ARG A 256 10.49 -13.61 -3.94
N SER A 257 11.75 -14.05 -3.87
CA SER A 257 12.65 -14.05 -5.03
C SER A 257 12.28 -15.13 -6.06
N ASN A 258 11.69 -16.24 -5.60
CA ASN A 258 11.22 -17.32 -6.48
C ASN A 258 10.17 -16.80 -7.47
N SER A 259 9.16 -16.11 -6.94
CA SER A 259 8.20 -15.39 -7.79
C SER A 259 8.77 -14.01 -8.12
N ASN A 260 7.98 -13.18 -8.76
CA ASN A 260 8.44 -11.88 -9.21
C ASN A 260 7.61 -10.77 -8.60
N LYS A 261 7.10 -11.00 -7.38
CA LYS A 261 6.19 -10.07 -6.72
C LYS A 261 6.93 -9.03 -5.90
N THR A 262 7.81 -8.28 -6.58
CA THR A 262 8.65 -7.29 -5.93
C THR A 262 8.69 -6.05 -6.80
N MET A 263 8.81 -4.90 -6.17
CA MET A 263 9.04 -3.66 -6.89
C MET A 263 10.54 -3.41 -6.90
N ASP A 264 11.06 -3.13 -8.08
CA ASP A 264 12.48 -2.93 -8.32
C ASP A 264 12.69 -1.41 -8.40
N PRO A 265 13.41 -0.80 -7.43
CA PRO A 265 13.57 0.66 -7.45
C PRO A 265 14.24 1.22 -8.70
N SER A 266 15.06 0.41 -9.39
CA SER A 266 15.67 0.82 -10.67
C SER A 266 14.67 0.99 -11.81
N CYS A 267 13.44 0.50 -11.63
CA CYS A 267 12.37 0.64 -12.63
C CYS A 267 11.45 1.84 -12.39
N LEU A 268 11.73 2.64 -11.36
CA LEU A 268 11.04 3.91 -11.12
C LEU A 268 11.69 5.01 -11.93
N LYS A 269 10.88 5.76 -12.67
CA LYS A 269 11.33 6.95 -13.39
C LYS A 269 10.39 8.06 -12.96
N TRP A 270 10.79 8.77 -11.91
CA TRP A 270 9.89 9.69 -11.23
C TRP A 270 10.64 10.84 -10.60
N THR A 271 10.09 12.04 -10.77
CA THR A 271 10.41 13.18 -9.92
C THR A 271 9.07 13.66 -9.36
N PRO A 272 9.02 14.04 -8.07
CA PRO A 272 7.78 14.48 -7.44
C PRO A 272 6.98 15.48 -8.29
N PRO A 273 5.66 15.28 -8.41
CA PRO A 273 4.86 15.97 -9.44
C PRO A 273 4.88 17.49 -9.37
N LYS A 274 4.95 18.12 -10.55
CA LYS A 274 4.77 19.57 -10.74
C LYS A 274 5.57 20.42 -9.77
N GLY A 275 6.82 20.02 -9.50
CA GLY A 275 7.68 20.68 -8.50
C GLY A 275 7.28 20.34 -7.07
N THR A 276 6.05 20.73 -6.72
CA THR A 276 5.41 20.45 -5.40
C THR A 276 5.85 19.15 -4.74
N GLY B 8 10.66 12.61 21.21
CA GLY B 8 9.88 11.46 20.67
C GLY B 8 10.02 10.21 21.53
N MET B 9 8.94 9.88 22.24
CA MET B 9 8.91 8.73 23.14
C MET B 9 7.67 7.92 22.89
N VAL B 10 7.77 6.62 23.10
CA VAL B 10 6.65 5.74 22.86
C VAL B 10 6.45 4.88 24.10
N GLU B 11 5.20 4.61 24.50
CA GLU B 11 5.00 3.77 25.67
C GLU B 11 4.36 2.41 25.35
N ILE B 12 4.93 1.37 25.93
CA ILE B 12 4.33 0.05 25.86
C ILE B 12 4.74 -0.85 26.98
N GLU B 13 4.03 -1.95 27.13
CA GLU B 13 4.31 -2.85 28.22
C GLU B 13 4.91 -4.11 27.67
N ILE B 14 6.02 -4.49 28.30
CA ILE B 14 6.76 -5.70 28.01
C ILE B 14 6.72 -6.52 29.27
N GLU B 15 6.23 -7.74 29.17
CA GLU B 15 6.13 -8.68 30.29
C GLU B 15 5.39 -8.10 31.48
N GLY B 16 4.29 -7.39 31.22
CA GLY B 16 3.46 -6.83 32.29
C GLY B 16 4.04 -5.60 32.95
N ARG B 17 5.02 -4.99 32.32
CA ARG B 17 5.65 -3.79 32.82
C ARG B 17 5.54 -2.71 31.79
N LEU B 18 5.20 -1.51 32.23
CA LEU B 18 5.06 -0.38 31.31
C LEU B 18 6.39 0.33 31.16
N HIS B 19 6.78 0.56 29.90
CA HIS B 19 8.02 1.25 29.55
C HIS B 19 7.80 2.43 28.63
N ARG B 20 8.78 3.34 28.60
CA ARG B 20 8.83 4.53 27.73
C ARG B 20 10.19 4.56 26.98
N ILE B 21 10.18 4.54 25.65
CA ILE B 21 11.43 4.41 24.86
C ILE B 21 11.67 5.58 23.88
N SER B 22 12.93 6.00 23.81
CA SER B 22 13.38 7.10 22.95
C SER B 22 13.62 6.59 21.54
N ILE B 23 13.19 7.36 20.56
CA ILE B 23 13.46 7.05 19.14
C ILE B 23 14.80 7.60 18.66
N PHE B 24 15.46 8.44 19.47
CA PHE B 24 16.76 9.03 19.09
C PHE B 24 17.96 8.36 19.76
N ASP B 25 17.75 7.69 20.89
CA ASP B 25 18.85 7.03 21.59
C ASP B 25 19.25 5.74 20.90
N PRO B 26 20.56 5.44 20.83
CA PRO B 26 20.96 4.13 20.32
C PRO B 26 20.48 3.03 21.24
N LEU B 27 19.89 1.99 20.66
CA LEU B 27 19.43 0.83 21.40
C LEU B 27 20.34 -0.33 21.09
N GLU B 28 20.84 -0.98 22.14
CA GLU B 28 21.70 -2.13 22.01
C GLU B 28 20.98 -3.29 21.30
N ILE B 29 21.68 -3.99 20.42
CA ILE B 29 21.15 -5.16 19.72
C ILE B 29 21.80 -6.44 20.25
N ILE B 30 21.01 -7.43 20.66
CA ILE B 30 21.51 -8.70 21.20
C ILE B 30 20.95 -9.95 20.53
N LEU B 31 21.76 -11.00 20.38
CA LEU B 31 21.32 -12.26 19.76
C LEU B 31 20.47 -13.28 20.54
N GLU B 32 20.88 -13.62 21.76
CA GLU B 32 20.15 -14.56 22.65
C GLU B 32 20.62 -14.13 24.03
N ASP B 33 21.88 -14.48 24.26
CA ASP B 33 22.76 -14.09 25.35
C ASP B 33 22.36 -14.06 26.81
N ASP B 34 21.75 -15.14 27.28
CA ASP B 34 21.36 -15.35 28.69
C ASP B 34 20.21 -14.54 29.31
N LEU B 35 20.25 -13.22 29.23
CA LEU B 35 19.23 -12.41 29.88
C LEU B 35 17.83 -12.75 29.39
#